data_7RP0
#
_entry.id   7RP0
#
_cell.length_a   155.330
_cell.length_b   155.330
_cell.length_c   76.270
_cell.angle_alpha   90.000
_cell.angle_beta   90.000
_cell.angle_gamma   90.000
#
_symmetry.space_group_name_H-M   'I 4'
#
loop_
_entity.id
_entity.type
_entity.pdbx_description
1 polymer 'KcsA Fab chain A'
2 polymer 'KcsA Fab chain B'
3 polymer 'pH-gated potassium channel KcsA'
4 non-polymer NONAN-1-OL
5 non-polymer 'POTASSIUM ION'
6 non-polymer 'TETRABUTYLAMMONIUM ION'
7 non-polymer 'DIACYL GLYCEROL'
8 water water
#
loop_
_entity_poly.entity_id
_entity_poly.type
_entity_poly.pdbx_seq_one_letter_code
_entity_poly.pdbx_strand_id
1 'polypeptide(L)'
;QVQLQQPGAELVKPGASVKLSCKASGYTFTSDWIHWVKQRPGHGLEWIGEIIPSYGRANYNEKIQKKATLTADKSSSTAF
MQLSSLTSEDSAVYYCARERGDGYFAVWGAGTTVTVSSAKTTPPSVYPLAPGSAAQTNSMVTLGCLVKGYFPEPVTVTWN
SGSLSSGVHTFPAVLQSDLYTLSSSVTVPSSSWPSETVTCNVAHPASSTKVDKKIVPRD
;
A
2 'polypeptide(L)'
;DILLTQSPAILSVSPGERVSFSCRASQSIGTDIHWYQQRTNGSPRLLIKYASESISGIPSRFSGSGSGTDFTLSINSVES
EDIANYYCQQSNRWPFTFGSGTKLEIKRADAAPTVSIFPPSSEQLTSGGASVVCFLNNFYPKDINVKWKIDGSERQNGVL
NSWTDQDSKDSTYSMSSTLTLTKDEYERHNSYTCEATHKTSTSPIVKSFNRN
;
B
3 'polypeptide(L)'
;SALHWRAAGAATVLLVIVLLAGSYLAVLAERGAPGAQLITYPRALWWSVETATTVGYGDLAPVTLWGRLVAVVVMVAGIT
SFGLVTAALATWFVGREQERRGH
;
C
#
loop_
_chem_comp.id
_chem_comp.type
_chem_comp.name
_chem_comp.formula
DGA non-polymer 'DIACYL GLYCEROL' 'C39 H76 O5'
F09 non-polymer NONAN-1-OL 'C9 H20 O'
K non-polymer 'POTASSIUM ION' 'K 1'
TBA non-polymer 'TETRABUTYLAMMONIUM ION' 'C16 H36 N 1'
#
# COMPACT_ATOMS: atom_id res chain seq x y z
N GLN A 1 -0.69 17.61 -4.36
CA GLN A 1 -1.93 16.91 -4.67
C GLN A 1 -1.70 15.42 -4.79
N VAL A 2 -2.72 14.62 -4.47
CA VAL A 2 -2.62 13.17 -4.61
C VAL A 2 -2.58 12.82 -6.10
N GLN A 3 -1.72 11.87 -6.45
CA GLN A 3 -1.50 11.55 -7.86
C GLN A 3 -2.50 10.51 -8.37
N LEU A 4 -2.82 9.50 -7.56
CA LEU A 4 -3.77 8.46 -7.94
C LEU A 4 -4.92 8.47 -6.94
N GLN A 5 -6.14 8.60 -7.44
CA GLN A 5 -7.32 8.74 -6.60
C GLN A 5 -8.27 7.58 -6.85
N GLN A 6 -8.48 6.76 -5.81
CA GLN A 6 -9.34 5.59 -5.89
C GLN A 6 -10.51 5.72 -4.92
N PRO A 7 -11.64 5.08 -5.24
CA PRO A 7 -12.77 5.09 -4.30
C PRO A 7 -12.44 4.35 -3.01
N GLY A 8 -13.30 4.55 -2.01
CA GLY A 8 -13.04 3.97 -0.70
C GLY A 8 -13.34 2.48 -0.67
N ALA A 9 -14.51 2.09 -1.15
CA ALA A 9 -14.93 0.70 -1.08
C ALA A 9 -16.00 0.44 -2.12
N GLU A 10 -16.20 -0.85 -2.41
CA GLU A 10 -17.24 -1.29 -3.34
C GLU A 10 -17.80 -2.61 -2.83
N LEU A 11 -19.11 -2.65 -2.59
CA LEU A 11 -19.79 -3.86 -2.16
C LEU A 11 -20.35 -4.58 -3.39
N VAL A 12 -19.91 -5.81 -3.61
CA VAL A 12 -20.30 -6.60 -4.78
C VAL A 12 -20.97 -7.88 -4.30
N LYS A 13 -22.08 -8.23 -4.95
CA LYS A 13 -22.74 -9.49 -4.67
C LYS A 13 -21.96 -10.64 -5.31
N PRO A 14 -22.06 -11.85 -4.74
CA PRO A 14 -21.33 -12.99 -5.32
C PRO A 14 -21.79 -13.27 -6.74
N GLY A 15 -20.84 -13.23 -7.67
CA GLY A 15 -21.11 -13.40 -9.08
C GLY A 15 -21.26 -12.11 -9.85
N ALA A 16 -21.58 -11.01 -9.17
CA ALA A 16 -21.73 -9.73 -9.84
C ALA A 16 -20.37 -9.17 -10.25
N SER A 17 -20.40 -8.09 -11.03
CA SER A 17 -19.20 -7.46 -11.53
C SER A 17 -19.11 -6.02 -11.04
N VAL A 18 -17.88 -5.52 -11.00
CA VAL A 18 -17.61 -4.15 -10.55
C VAL A 18 -16.49 -3.57 -11.41
N LYS A 19 -16.48 -2.24 -11.51
CA LYS A 19 -15.45 -1.53 -12.25
C LYS A 19 -14.84 -0.48 -11.34
N LEU A 20 -13.55 -0.61 -11.05
CA LEU A 20 -12.84 0.31 -10.20
C LEU A 20 -12.20 1.42 -11.02
N SER A 21 -11.81 2.50 -10.35
CA SER A 21 -11.25 3.67 -11.00
C SER A 21 -9.95 4.07 -10.31
N CYS A 22 -9.21 4.97 -10.98
CA CYS A 22 -7.92 5.43 -10.52
C CYS A 22 -7.56 6.72 -11.25
N LYS A 23 -8.09 7.85 -10.77
CA LYS A 23 -7.87 9.13 -11.44
C LYS A 23 -6.44 9.58 -11.26
N ALA A 24 -5.76 9.82 -12.38
CA ALA A 24 -4.36 10.21 -12.38
C ALA A 24 -4.23 11.72 -12.52
N SER A 25 -3.32 12.31 -11.74
CA SER A 25 -2.97 13.71 -11.82
C SER A 25 -1.45 13.84 -11.83
N GLY A 26 -0.97 15.07 -11.80
CA GLY A 26 0.45 15.32 -11.90
C GLY A 26 0.97 15.09 -13.31
N TYR A 27 2.30 14.98 -13.40
CA TYR A 27 2.95 14.79 -14.68
C TYR A 27 2.54 13.46 -15.31
N THR A 28 2.13 13.51 -16.57
CA THR A 28 1.73 12.33 -17.33
C THR A 28 2.51 12.30 -18.63
N PHE A 29 3.21 11.20 -18.88
CA PHE A 29 4.00 11.03 -20.10
C PHE A 29 3.44 9.87 -20.91
N THR A 30 3.87 9.81 -22.18
CA THR A 30 3.48 8.72 -23.05
C THR A 30 4.08 7.38 -22.63
N SER A 31 5.05 7.40 -21.72
CA SER A 31 5.72 6.19 -21.23
C SER A 31 5.15 5.72 -19.90
N ASP A 32 3.95 6.18 -19.54
CA ASP A 32 3.35 5.80 -18.26
C ASP A 32 2.64 4.46 -18.37
N TRP A 33 2.81 3.64 -17.34
CA TRP A 33 2.07 2.39 -17.19
C TRP A 33 1.33 2.41 -15.86
N ILE A 34 0.05 2.09 -15.90
CA ILE A 34 -0.76 1.97 -14.69
C ILE A 34 -0.86 0.49 -14.33
N HIS A 35 -0.47 0.15 -13.11
CA HIS A 35 -0.52 -1.22 -12.62
C HIS A 35 -1.60 -1.35 -11.56
N TRP A 36 -2.04 -2.60 -11.35
CA TRP A 36 -3.00 -2.92 -10.32
C TRP A 36 -2.46 -4.06 -9.47
N VAL A 37 -2.51 -3.88 -8.15
CA VAL A 37 -1.98 -4.86 -7.20
C VAL A 37 -3.10 -5.26 -6.25
N LYS A 38 -3.25 -6.57 -6.04
CA LYS A 38 -4.27 -7.12 -5.15
C LYS A 38 -3.62 -7.57 -3.85
N GLN A 39 -4.25 -7.24 -2.72
CA GLN A 39 -3.75 -7.62 -1.41
C GLN A 39 -4.94 -8.06 -0.56
N ARG A 40 -5.05 -9.36 -0.31
CA ARG A 40 -6.08 -9.86 0.58
C ARG A 40 -5.67 -9.62 2.03
N PRO A 41 -6.65 -9.48 2.94
CA PRO A 41 -6.32 -9.32 4.35
C PRO A 41 -5.49 -10.50 4.86
N GLY A 42 -4.30 -10.19 5.35
CA GLY A 42 -3.39 -11.22 5.78
C GLY A 42 -2.59 -11.87 4.66
N HIS A 43 -2.25 -11.10 3.63
CA HIS A 43 -1.46 -11.62 2.52
C HIS A 43 -0.60 -10.49 1.97
N GLY A 44 0.40 -10.87 1.17
CA GLY A 44 1.29 -9.92 0.55
C GLY A 44 0.68 -9.26 -0.66
N LEU A 45 1.54 -8.63 -1.46
CA LEU A 45 1.12 -7.94 -2.67
C LEU A 45 1.11 -8.90 -3.84
N GLU A 46 0.10 -8.78 -4.69
CA GLU A 46 -0.12 -9.70 -5.81
C GLU A 46 -0.34 -8.88 -7.07
N TRP A 47 0.58 -9.00 -8.03
CA TRP A 47 0.49 -8.23 -9.26
C TRP A 47 -0.66 -8.76 -10.12
N ILE A 48 -1.51 -7.85 -10.60
CA ILE A 48 -2.66 -8.22 -11.41
C ILE A 48 -2.36 -7.99 -12.87
N GLY A 49 -2.11 -6.73 -13.24
CA GLY A 49 -1.88 -6.42 -14.63
C GLY A 49 -1.43 -4.98 -14.80
N GLU A 50 -1.15 -4.63 -16.05
CA GLU A 50 -0.65 -3.32 -16.41
C GLU A 50 -1.35 -2.85 -17.68
N ILE A 51 -1.28 -1.54 -17.91
CA ILE A 51 -1.82 -0.94 -19.13
C ILE A 51 -1.06 0.35 -19.41
N ILE A 52 -0.80 0.60 -20.68
CA ILE A 52 -0.18 1.85 -21.13
C ILE A 52 -1.28 2.73 -21.72
N PRO A 53 -1.66 3.82 -21.07
CA PRO A 53 -2.78 4.63 -21.58
C PRO A 53 -2.50 5.29 -22.92
N SER A 54 -1.24 5.57 -23.24
CA SER A 54 -0.93 6.20 -24.52
C SER A 54 -1.04 5.25 -25.70
N TYR A 55 -1.38 3.98 -25.46
CA TYR A 55 -1.60 3.03 -26.54
C TYR A 55 -2.78 2.08 -26.29
N GLY A 56 -3.11 1.74 -25.06
CA GLY A 56 -4.26 0.92 -24.76
C GLY A 56 -4.00 -0.56 -24.63
N ARG A 57 -2.75 -1.00 -24.74
CA ARG A 57 -2.42 -2.40 -24.57
C ARG A 57 -2.36 -2.74 -23.08
N ALA A 58 -2.95 -3.86 -22.71
CA ALA A 58 -3.01 -4.31 -21.33
C ALA A 58 -2.43 -5.72 -21.23
N ASN A 59 -1.58 -5.93 -20.22
CA ASN A 59 -1.03 -7.24 -19.92
C ASN A 59 -1.55 -7.69 -18.55
N TYR A 60 -1.62 -9.01 -18.36
CA TYR A 60 -2.18 -9.58 -17.15
C TYR A 60 -1.29 -10.69 -16.63
N ASN A 61 -1.33 -10.86 -15.30
CA ASN A 61 -0.59 -11.94 -14.66
C ASN A 61 -1.16 -13.29 -15.10
N GLU A 62 -0.33 -14.11 -15.73
CA GLU A 62 -0.78 -15.40 -16.25
C GLU A 62 -0.74 -16.51 -15.21
N LYS A 63 -0.21 -16.25 -14.01
CA LYS A 63 -0.20 -17.26 -12.96
C LYS A 63 -1.54 -17.40 -12.26
N ILE A 64 -2.31 -16.33 -12.19
CA ILE A 64 -3.55 -16.31 -11.41
C ILE A 64 -4.74 -16.38 -12.36
N GLN A 65 -5.93 -16.54 -11.78
CA GLN A 65 -7.15 -16.54 -12.56
C GLN A 65 -7.44 -15.15 -13.10
N LYS A 66 -7.68 -15.05 -14.40
CA LYS A 66 -7.91 -13.77 -15.04
C LYS A 66 -9.36 -13.35 -14.82
N LYS A 67 -9.57 -12.38 -13.92
CA LYS A 67 -10.90 -11.84 -13.64
C LYS A 67 -10.95 -10.33 -13.82
N ALA A 68 -9.98 -9.75 -14.54
CA ALA A 68 -9.89 -8.31 -14.69
C ALA A 68 -9.77 -7.93 -16.15
N THR A 69 -10.18 -6.70 -16.45
CA THR A 69 -10.04 -6.11 -17.77
C THR A 69 -9.66 -4.64 -17.59
N LEU A 70 -8.50 -4.26 -18.10
CA LEU A 70 -7.93 -2.94 -17.87
C LEU A 70 -8.21 -2.03 -19.06
N THR A 71 -8.85 -0.90 -18.80
CA THR A 71 -9.09 0.14 -19.80
C THR A 71 -8.47 1.45 -19.33
N ALA A 72 -8.39 2.40 -20.25
CA ALA A 72 -7.84 3.72 -19.95
C ALA A 72 -8.62 4.77 -20.72
N ASP A 73 -8.66 5.99 -20.17
CA ASP A 73 -9.40 7.10 -20.76
C ASP A 73 -8.49 8.33 -20.69
N LYS A 74 -7.89 8.70 -21.82
CA LYS A 74 -6.91 9.78 -21.82
C LYS A 74 -7.56 11.14 -21.64
N SER A 75 -8.84 11.28 -22.02
CA SER A 75 -9.50 12.57 -21.89
C SER A 75 -9.72 12.96 -20.42
N SER A 76 -9.91 11.97 -19.55
CA SER A 76 -10.08 12.22 -18.13
C SER A 76 -8.91 11.70 -17.28
N SER A 77 -7.89 11.11 -17.92
CA SER A 77 -6.71 10.60 -17.22
C SER A 77 -7.10 9.63 -16.10
N THR A 78 -7.92 8.65 -16.45
CA THR A 78 -8.43 7.70 -15.47
C THR A 78 -8.38 6.30 -16.07
N ALA A 79 -7.72 5.39 -15.35
CA ALA A 79 -7.70 3.98 -15.72
C ALA A 79 -8.80 3.23 -14.97
N PHE A 80 -9.27 2.14 -15.56
CA PHE A 80 -10.37 1.37 -15.01
C PHE A 80 -10.03 -0.11 -15.01
N MET A 81 -10.37 -0.79 -13.91
CA MET A 81 -10.23 -2.23 -13.81
C MET A 81 -11.62 -2.83 -13.57
N GLN A 82 -12.06 -3.66 -14.50
CA GLN A 82 -13.39 -4.28 -14.43
C GLN A 82 -13.22 -5.71 -13.95
N LEU A 83 -13.70 -5.99 -12.73
CA LEU A 83 -13.67 -7.32 -12.14
C LEU A 83 -15.01 -8.00 -12.38
N SER A 84 -14.97 -9.24 -12.84
CA SER A 84 -16.17 -9.99 -13.18
C SER A 84 -16.23 -11.31 -12.43
N SER A 85 -17.46 -11.71 -12.09
CA SER A 85 -17.73 -12.99 -11.41
C SER A 85 -16.88 -13.13 -10.15
N LEU A 86 -17.24 -12.32 -9.15
CA LEU A 86 -16.48 -12.23 -7.92
C LEU A 86 -17.00 -13.19 -6.86
N THR A 87 -16.08 -13.87 -6.18
CA THR A 87 -16.38 -14.71 -5.04
C THR A 87 -15.70 -14.12 -3.80
N SER A 88 -15.77 -14.85 -2.69
CA SER A 88 -15.12 -14.38 -1.47
C SER A 88 -13.61 -14.33 -1.62
N GLU A 89 -13.04 -15.17 -2.49
CA GLU A 89 -11.61 -15.17 -2.73
C GLU A 89 -11.13 -13.88 -3.39
N ASP A 90 -12.04 -13.13 -4.00
CA ASP A 90 -11.70 -11.88 -4.66
C ASP A 90 -11.82 -10.68 -3.74
N SER A 91 -12.29 -10.86 -2.52
CA SER A 91 -12.40 -9.77 -1.55
C SER A 91 -11.01 -9.39 -1.07
N ALA A 92 -10.56 -8.19 -1.43
CA ALA A 92 -9.21 -7.73 -1.08
C ALA A 92 -9.16 -6.22 -1.23
N VAL A 93 -7.98 -5.66 -0.96
CA VAL A 93 -7.70 -4.25 -1.23
C VAL A 93 -6.95 -4.18 -2.55
N TYR A 94 -7.47 -3.39 -3.48
CA TYR A 94 -6.91 -3.27 -4.83
C TYR A 94 -6.29 -1.89 -4.98
N TYR A 95 -4.96 -1.85 -5.08
CA TYR A 95 -4.24 -0.61 -5.31
C TYR A 95 -4.00 -0.41 -6.80
N CYS A 96 -3.85 0.85 -7.20
CA CYS A 96 -3.31 1.20 -8.51
C CYS A 96 -2.01 1.94 -8.30
N ALA A 97 -1.05 1.70 -9.20
CA ALA A 97 0.26 2.31 -9.12
C ALA A 97 0.67 2.82 -10.50
N ARG A 98 1.48 3.88 -10.51
CA ARG A 98 1.99 4.47 -11.73
C ARG A 98 3.47 4.15 -11.86
N GLU A 99 3.84 3.52 -12.97
CA GLU A 99 5.22 3.23 -13.30
C GLU A 99 5.63 4.06 -14.51
N ARG A 100 6.79 4.73 -14.41
CA ARG A 100 7.27 5.59 -15.48
C ARG A 100 8.00 4.79 -16.55
N GLY A 101 7.63 3.52 -16.73
CA GLY A 101 8.29 2.67 -17.69
C GLY A 101 9.71 2.28 -17.33
N ASP A 102 10.14 2.51 -16.09
CA ASP A 102 11.50 2.17 -15.67
C ASP A 102 11.52 1.12 -14.55
N GLY A 103 10.41 0.42 -14.31
CA GLY A 103 10.46 -0.75 -13.46
C GLY A 103 9.71 -0.68 -12.15
N TYR A 104 9.93 0.38 -11.37
CA TYR A 104 9.38 0.49 -10.03
C TYR A 104 8.08 1.31 -10.04
N PHE A 105 7.32 1.15 -8.97
CA PHE A 105 6.05 1.86 -8.78
C PHE A 105 6.34 3.09 -7.91
N ALA A 106 6.48 4.25 -8.56
CA ALA A 106 6.90 5.45 -7.85
C ALA A 106 5.80 5.99 -6.94
N VAL A 107 4.53 5.78 -7.29
CA VAL A 107 3.41 6.31 -6.53
C VAL A 107 2.28 5.29 -6.54
N TRP A 108 1.67 5.08 -5.37
CA TRP A 108 0.53 4.18 -5.21
C TRP A 108 -0.72 4.97 -4.89
N GLY A 109 -1.88 4.37 -5.18
CA GLY A 109 -3.14 4.91 -4.76
C GLY A 109 -3.53 4.42 -3.36
N ALA A 110 -4.60 5.00 -2.83
CA ALA A 110 -5.06 4.61 -1.50
C ALA A 110 -5.67 3.22 -1.47
N GLY A 111 -6.13 2.72 -2.62
CA GLY A 111 -6.71 1.39 -2.67
C GLY A 111 -8.20 1.40 -2.39
N THR A 112 -8.91 0.50 -3.06
CA THR A 112 -10.35 0.34 -2.92
C THR A 112 -10.63 -1.00 -2.27
N THR A 113 -11.13 -0.97 -1.03
CA THR A 113 -11.47 -2.20 -0.32
C THR A 113 -12.71 -2.82 -0.97
N VAL A 114 -12.52 -3.93 -1.66
CA VAL A 114 -13.62 -4.63 -2.33
C VAL A 114 -14.06 -5.78 -1.44
N THR A 115 -15.33 -5.77 -1.05
CA THR A 115 -15.91 -6.79 -0.20
C THR A 115 -17.03 -7.49 -0.98
N VAL A 116 -16.84 -8.78 -1.23
CA VAL A 116 -17.83 -9.59 -1.93
C VAL A 116 -18.68 -10.30 -0.87
N SER A 117 -19.94 -9.89 -0.74
CA SER A 117 -20.81 -10.44 0.27
C SER A 117 -22.25 -10.44 -0.24
N SER A 118 -23.11 -11.16 0.46
CA SER A 118 -24.54 -11.21 0.16
C SER A 118 -25.35 -10.29 1.05
N ALA A 119 -24.71 -9.55 1.95
CA ALA A 119 -25.41 -8.73 2.93
C ALA A 119 -25.91 -7.43 2.31
N LYS A 120 -26.05 -6.38 3.13
CA LYS A 120 -26.54 -5.09 2.68
C LYS A 120 -25.72 -4.00 3.35
N THR A 121 -25.61 -2.85 2.67
CA THR A 121 -24.83 -1.74 3.18
C THR A 121 -25.54 -1.11 4.37
N THR A 122 -24.83 -0.97 5.49
CA THR A 122 -25.38 -0.38 6.71
C THR A 122 -24.45 0.73 7.16
N PRO A 123 -24.92 1.98 7.28
CA PRO A 123 -24.07 3.04 7.81
C PRO A 123 -23.79 2.81 9.28
N PRO A 124 -22.68 3.35 9.80
CA PRO A 124 -22.31 3.09 11.19
C PRO A 124 -23.07 3.98 12.17
N SER A 125 -22.89 3.67 13.44
CA SER A 125 -23.44 4.46 14.54
C SER A 125 -22.29 4.83 15.48
N VAL A 126 -22.15 6.12 15.75
CA VAL A 126 -21.05 6.65 16.54
C VAL A 126 -21.58 7.09 17.90
N TYR A 127 -20.89 6.66 18.96
CA TYR A 127 -21.28 6.96 20.33
C TYR A 127 -20.10 7.52 21.11
N PRO A 128 -20.33 8.54 21.92
CA PRO A 128 -19.24 9.11 22.72
C PRO A 128 -18.79 8.14 23.81
N LEU A 129 -17.53 8.30 24.22
CA LEU A 129 -16.93 7.50 25.29
C LEU A 129 -16.21 8.46 26.24
N ALA A 130 -16.92 8.89 27.28
CA ALA A 130 -16.37 9.77 28.30
C ALA A 130 -16.26 9.04 29.64
N PRO A 131 -15.28 9.39 30.47
CA PRO A 131 -15.16 8.72 31.77
C PRO A 131 -16.38 8.96 32.64
N GLY A 132 -16.66 7.98 33.50
CA GLY A 132 -17.79 8.09 34.40
C GLY A 132 -17.59 9.15 35.46
N SER A 133 -18.65 9.36 36.26
CA SER A 133 -18.63 10.41 37.27
C SER A 133 -17.55 10.14 38.31
N ALA A 134 -17.34 8.88 38.68
CA ALA A 134 -16.31 8.48 39.64
C ALA A 134 -15.13 7.90 38.86
N ALA A 135 -14.14 8.75 38.57
CA ALA A 135 -12.97 8.31 37.82
C ALA A 135 -11.83 9.28 38.11
N GLN A 136 -10.78 8.78 38.77
CA GLN A 136 -9.61 9.61 39.05
C GLN A 136 -8.77 9.75 37.79
N THR A 137 -8.51 11.00 37.41
CA THR A 137 -7.78 11.31 36.18
C THR A 137 -6.37 11.79 36.53
N ASN A 138 -5.39 11.30 35.77
CA ASN A 138 -4.00 11.69 35.96
C ASN A 138 -3.69 12.95 35.16
N SER A 139 -2.43 13.10 34.73
CA SER A 139 -2.07 14.25 33.92
C SER A 139 -2.70 14.22 32.54
N MET A 140 -3.05 13.03 32.05
CA MET A 140 -3.72 12.86 30.77
C MET A 140 -5.13 12.35 30.98
N VAL A 141 -5.88 12.28 29.88
CA VAL A 141 -7.23 11.74 29.90
C VAL A 141 -7.49 11.08 28.56
N THR A 142 -8.15 9.93 28.58
CA THR A 142 -8.44 9.15 27.37
C THR A 142 -9.91 9.24 27.05
N LEU A 143 -10.22 9.56 25.80
CA LEU A 143 -11.58 9.60 25.27
C LEU A 143 -11.70 8.61 24.13
N GLY A 144 -12.93 8.39 23.67
CA GLY A 144 -13.14 7.39 22.64
C GLY A 144 -14.39 7.62 21.83
N CYS A 145 -14.47 6.85 20.74
CA CYS A 145 -15.66 6.82 19.89
C CYS A 145 -15.94 5.38 19.50
N LEU A 146 -17.19 4.97 19.61
CA LEU A 146 -17.61 3.60 19.32
C LEU A 146 -18.31 3.57 17.97
N VAL A 147 -17.71 2.88 17.01
CA VAL A 147 -18.26 2.73 15.67
C VAL A 147 -18.75 1.30 15.56
N LYS A 148 -20.07 1.10 15.63
CA LYS A 148 -20.65 -0.23 15.60
C LYS A 148 -21.75 -0.32 14.55
N GLY A 149 -22.03 -1.54 14.12
CA GLY A 149 -23.14 -1.82 13.22
C GLY A 149 -22.98 -1.23 11.84
N TYR A 150 -21.82 -1.42 11.22
CA TYR A 150 -21.60 -0.95 9.86
C TYR A 150 -21.14 -2.11 8.98
N PHE A 151 -21.43 -1.99 7.69
CA PHE A 151 -21.05 -2.98 6.69
C PHE A 151 -21.18 -2.35 5.31
N PRO A 152 -20.20 -2.55 4.42
CA PRO A 152 -18.97 -3.29 4.72
C PRO A 152 -17.83 -2.40 5.19
N GLU A 153 -16.63 -2.96 5.27
CA GLU A 153 -15.44 -2.21 5.59
C GLU A 153 -15.08 -1.27 4.43
N PRO A 154 -14.28 -0.22 4.68
CA PRO A 154 -13.72 0.19 5.96
C PRO A 154 -14.39 1.42 6.56
N VAL A 155 -13.85 1.89 7.69
CA VAL A 155 -14.21 3.19 8.27
C VAL A 155 -12.93 3.90 8.65
N THR A 156 -12.81 5.16 8.25
CA THR A 156 -11.64 5.99 8.54
C THR A 156 -12.06 7.00 9.60
N VAL A 157 -11.55 6.81 10.82
CA VAL A 157 -11.87 7.68 11.95
C VAL A 157 -10.69 8.59 12.23
N THR A 158 -10.94 9.88 12.24
CA THR A 158 -9.96 10.90 12.61
C THR A 158 -10.46 11.66 13.83
N TRP A 159 -9.55 12.41 14.45
CA TRP A 159 -9.86 13.18 15.65
C TRP A 159 -9.59 14.65 15.38
N ASN A 160 -10.64 15.46 15.46
CA ASN A 160 -10.57 16.90 15.19
C ASN A 160 -10.07 17.18 13.78
N SER A 161 -10.75 16.57 12.79
CA SER A 161 -10.45 16.75 11.37
C SER A 161 -9.01 16.41 11.04
N GLY A 162 -8.42 15.47 11.78
CA GLY A 162 -7.06 15.04 11.56
C GLY A 162 -6.01 15.80 12.35
N SER A 163 -6.35 16.93 12.95
CA SER A 163 -5.36 17.71 13.70
C SER A 163 -4.85 16.98 14.93
N LEU A 164 -5.54 15.92 15.37
CA LEU A 164 -5.15 15.14 16.53
C LEU A 164 -4.83 13.72 16.06
N SER A 165 -3.55 13.36 16.09
CA SER A 165 -3.12 12.04 15.65
C SER A 165 -2.23 11.38 16.70
N SER A 166 -1.49 12.19 17.44
CA SER A 166 -0.66 11.67 18.53
C SER A 166 -1.55 11.21 19.67
N GLY A 167 -1.31 9.98 20.14
CA GLY A 167 -2.15 9.41 21.17
C GLY A 167 -3.46 8.84 20.68
N VAL A 168 -3.56 8.54 19.38
CA VAL A 168 -4.78 8.00 18.77
C VAL A 168 -4.56 6.53 18.47
N HIS A 169 -5.45 5.69 18.98
CA HIS A 169 -5.51 4.28 18.64
C HIS A 169 -6.85 3.98 18.00
N THR A 170 -6.84 3.21 16.91
CA THR A 170 -8.06 2.72 16.29
C THR A 170 -7.97 1.20 16.19
N PHE A 171 -8.78 0.50 16.97
CA PHE A 171 -8.74 -0.94 17.02
C PHE A 171 -9.41 -1.55 15.79
N PRO A 172 -8.93 -2.70 15.33
CA PRO A 172 -9.57 -3.36 14.20
C PRO A 172 -11.00 -3.76 14.52
N ALA A 173 -11.81 -3.87 13.47
CA ALA A 173 -13.22 -4.20 13.64
C ALA A 173 -13.40 -5.69 13.93
N VAL A 174 -14.53 -6.01 14.55
CA VAL A 174 -14.93 -7.39 14.82
C VAL A 174 -16.26 -7.63 14.12
N LEU A 175 -16.38 -8.78 13.46
CA LEU A 175 -17.58 -9.11 12.70
C LEU A 175 -18.57 -9.82 13.61
N GLN A 176 -19.79 -9.29 13.69
CA GLN A 176 -20.84 -9.83 14.56
C GLN A 176 -22.16 -9.75 13.79
N SER A 177 -22.60 -10.88 13.24
CA SER A 177 -23.87 -10.98 12.52
C SER A 177 -23.94 -9.99 11.35
N ASP A 178 -22.99 -10.16 10.42
CA ASP A 178 -22.91 -9.33 9.22
C ASP A 178 -22.80 -7.85 9.54
N LEU A 179 -22.18 -7.52 10.68
CA LEU A 179 -21.98 -6.14 11.09
C LEU A 179 -20.63 -6.01 11.76
N TYR A 180 -19.94 -4.93 11.48
CA TYR A 180 -18.63 -4.65 12.07
C TYR A 180 -18.76 -3.66 13.22
N THR A 181 -17.76 -3.68 14.09
CA THR A 181 -17.74 -2.81 15.27
C THR A 181 -16.30 -2.58 15.69
N LEU A 182 -15.95 -1.31 15.90
CA LEU A 182 -14.62 -0.97 16.42
C LEU A 182 -14.75 0.26 17.31
N SER A 183 -13.64 0.58 17.97
CA SER A 183 -13.54 1.78 18.78
C SER A 183 -12.24 2.49 18.44
N SER A 184 -12.19 3.77 18.78
CA SER A 184 -11.00 4.59 18.57
C SER A 184 -10.67 5.33 19.85
N SER A 185 -9.41 5.30 20.24
CA SER A 185 -8.94 5.93 21.46
C SER A 185 -8.19 7.22 21.14
N VAL A 186 -8.27 8.18 22.06
CA VAL A 186 -7.52 9.43 21.95
C VAL A 186 -7.15 9.86 23.36
N THR A 187 -5.90 10.31 23.53
CA THR A 187 -5.38 10.69 24.84
C THR A 187 -4.88 12.13 24.77
N VAL A 188 -5.69 13.05 25.29
CA VAL A 188 -5.32 14.46 25.39
C VAL A 188 -4.93 14.75 26.83
N PRO A 189 -4.17 15.81 27.11
CA PRO A 189 -3.89 16.17 28.49
C PRO A 189 -5.18 16.51 29.24
N SER A 190 -5.19 16.22 30.54
CA SER A 190 -6.39 16.41 31.34
C SER A 190 -6.82 17.87 31.39
N SER A 191 -5.87 18.80 31.32
CA SER A 191 -6.20 20.22 31.39
C SER A 191 -6.89 20.70 30.11
N SER A 192 -6.58 20.08 28.97
CA SER A 192 -7.12 20.54 27.70
C SER A 192 -8.58 20.15 27.49
N TRP A 193 -9.10 19.20 28.25
CA TRP A 193 -10.47 18.76 28.10
C TRP A 193 -11.27 19.06 29.37
N PRO A 194 -12.52 19.50 29.25
CA PRO A 194 -13.28 19.74 28.03
C PRO A 194 -13.26 21.18 27.54
N SER A 195 -12.29 21.96 27.99
CA SER A 195 -12.15 23.34 27.51
C SER A 195 -11.94 23.36 26.01
N GLU A 196 -10.93 22.65 25.52
CA GLU A 196 -10.71 22.49 24.09
C GLU A 196 -11.54 21.30 23.61
N THR A 197 -12.31 21.52 22.54
CA THR A 197 -13.23 20.50 22.07
C THR A 197 -12.46 19.30 21.50
N VAL A 198 -13.05 18.12 21.64
CA VAL A 198 -12.49 16.87 21.13
C VAL A 198 -13.61 16.14 20.40
N THR A 199 -13.48 15.99 19.09
CA THR A 199 -14.47 15.32 18.26
C THR A 199 -13.79 14.24 17.44
N CYS A 200 -14.57 13.22 17.06
CA CYS A 200 -14.10 12.17 16.18
C CYS A 200 -14.85 12.24 14.86
N ASN A 201 -14.15 11.97 13.76
CA ASN A 201 -14.70 12.07 12.42
C ASN A 201 -14.72 10.67 11.81
N VAL A 202 -15.89 10.04 11.82
CA VAL A 202 -16.05 8.67 11.34
C VAL A 202 -16.60 8.73 9.93
N ALA A 203 -15.79 8.34 8.96
CA ALA A 203 -16.16 8.32 7.56
C ALA A 203 -16.33 6.88 7.09
N HIS A 204 -17.49 6.58 6.50
CA HIS A 204 -17.81 5.25 5.98
C HIS A 204 -18.05 5.38 4.49
N PRO A 205 -17.00 5.22 3.67
CA PRO A 205 -17.16 5.47 2.23
C PRO A 205 -18.14 4.53 1.54
N ALA A 206 -18.36 3.33 2.08
CA ALA A 206 -19.28 2.39 1.45
C ALA A 206 -20.71 2.92 1.45
N SER A 207 -21.05 3.76 2.42
CA SER A 207 -22.37 4.39 2.48
C SER A 207 -22.33 5.88 2.19
N SER A 208 -21.15 6.42 1.86
CA SER A 208 -20.99 7.85 1.56
C SER A 208 -21.45 8.72 2.71
N THR A 209 -21.12 8.31 3.93
CA THR A 209 -21.54 9.02 5.14
C THR A 209 -20.33 9.24 6.03
N LYS A 210 -20.02 10.51 6.28
CA LYS A 210 -19.00 10.91 7.26
C LYS A 210 -19.69 11.65 8.40
N VAL A 211 -19.48 11.18 9.62
CA VAL A 211 -20.20 11.66 10.79
C VAL A 211 -19.20 12.13 11.84
N ASP A 212 -19.48 13.28 12.43
CA ASP A 212 -18.72 13.78 13.56
C ASP A 212 -19.45 13.48 14.87
N LYS A 213 -18.72 13.57 15.97
CA LYS A 213 -19.29 13.30 17.29
C LYS A 213 -18.40 13.96 18.33
N LYS A 214 -18.91 14.95 19.03
CA LYS A 214 -18.17 15.63 20.08
C LYS A 214 -18.20 14.80 21.36
N ILE A 215 -17.12 14.90 22.13
CA ILE A 215 -16.97 14.15 23.38
C ILE A 215 -17.09 15.16 24.52
N VAL A 216 -18.27 15.24 25.12
CA VAL A 216 -18.52 16.13 26.24
C VAL A 216 -18.61 15.31 27.52
N PRO A 217 -18.25 15.86 28.68
CA PRO A 217 -18.28 15.07 29.92
C PRO A 217 -19.70 14.73 30.33
N ARG A 218 -19.80 13.70 31.17
CA ARG A 218 -21.09 13.20 31.66
C ARG A 218 -21.52 14.03 32.86
N ASP A 219 -22.62 14.77 32.70
CA ASP A 219 -23.21 15.56 33.79
C ASP A 219 -22.22 16.53 34.42
N ASP B 1 8.46 -17.37 -14.57
CA ASP B 1 8.40 -16.15 -13.76
C ASP B 1 9.45 -16.18 -12.66
N ILE B 2 9.76 -15.02 -12.10
CA ILE B 2 10.84 -14.87 -11.13
C ILE B 2 10.25 -14.90 -9.72
N LEU B 3 10.81 -15.75 -8.86
CA LEU B 3 10.35 -15.92 -7.50
C LEU B 3 11.23 -15.11 -6.56
N LEU B 4 10.59 -14.39 -5.63
CA LEU B 4 11.29 -13.55 -4.67
C LEU B 4 10.93 -14.03 -3.27
N THR B 5 11.86 -14.72 -2.62
CA THR B 5 11.66 -15.23 -1.27
C THR B 5 12.26 -14.25 -0.26
N GLN B 6 11.46 -13.87 0.74
CA GLN B 6 11.91 -13.01 1.82
C GLN B 6 11.84 -13.82 3.11
N SER B 7 13.01 -14.12 3.69
CA SER B 7 13.09 -14.93 4.89
C SER B 7 14.07 -14.29 5.87
N PRO B 8 13.71 -14.23 7.17
CA PRO B 8 12.46 -14.75 7.71
C PRO B 8 11.30 -13.77 7.58
N ALA B 9 10.08 -14.24 7.84
CA ALA B 9 8.90 -13.39 7.71
C ALA B 9 8.83 -12.32 8.79
N ILE B 10 9.48 -12.53 9.93
CA ILE B 10 9.42 -11.61 11.07
C ILE B 10 10.83 -11.41 11.60
N LEU B 11 11.20 -10.16 11.86
CA LEU B 11 12.50 -9.81 12.42
C LEU B 11 12.28 -9.01 13.70
N SER B 12 12.85 -9.49 14.81
CA SER B 12 12.76 -8.83 16.10
C SER B 12 14.07 -8.08 16.36
N VAL B 13 13.96 -6.77 16.56
CA VAL B 13 15.12 -5.92 16.80
C VAL B 13 14.80 -4.95 17.93
N SER B 14 15.76 -4.75 18.83
CA SER B 14 15.63 -3.75 19.88
C SER B 14 15.86 -2.36 19.31
N PRO B 15 15.32 -1.32 19.95
CA PRO B 15 15.45 0.03 19.39
C PRO B 15 16.90 0.46 19.22
N GLY B 16 17.13 1.25 18.17
CA GLY B 16 18.45 1.82 17.94
C GLY B 16 19.48 0.86 17.38
N GLU B 17 19.04 -0.25 16.79
CA GLU B 17 19.94 -1.26 16.26
C GLU B 17 19.69 -1.43 14.76
N ARG B 18 20.75 -1.75 14.03
CA ARG B 18 20.63 -1.98 12.59
C ARG B 18 19.87 -3.27 12.32
N VAL B 19 19.06 -3.27 11.26
CA VAL B 19 18.27 -4.43 10.88
C VAL B 19 18.36 -4.59 9.36
N SER B 20 18.56 -5.83 8.91
CA SER B 20 18.72 -6.14 7.50
C SER B 20 17.61 -7.07 7.04
N PHE B 21 16.96 -6.71 5.94
CA PHE B 21 15.93 -7.54 5.32
C PHE B 21 16.53 -8.25 4.11
N SER B 22 16.18 -9.52 3.94
CA SER B 22 16.72 -10.35 2.88
C SER B 22 15.69 -10.58 1.78
N CYS B 23 16.14 -10.52 0.54
CA CYS B 23 15.30 -10.78 -0.63
C CYS B 23 16.14 -11.56 -1.63
N ARG B 24 15.79 -12.82 -1.86
CA ARG B 24 16.52 -13.69 -2.76
C ARG B 24 15.70 -13.96 -4.01
N ALA B 25 16.32 -13.84 -5.18
CA ALA B 25 15.66 -14.05 -6.46
C ALA B 25 16.01 -15.42 -7.02
N SER B 26 15.01 -16.07 -7.63
CA SER B 26 15.20 -17.40 -8.18
C SER B 26 16.22 -17.42 -9.32
N GLN B 27 16.47 -16.27 -9.96
CA GLN B 27 17.50 -16.18 -10.99
C GLN B 27 18.04 -14.77 -10.99
N SER B 28 19.22 -14.61 -11.61
CA SER B 28 19.93 -13.34 -11.57
C SER B 28 19.12 -12.24 -12.26
N ILE B 29 19.03 -11.09 -11.60
CA ILE B 29 18.24 -9.97 -12.09
C ILE B 29 19.08 -8.69 -12.04
N GLY B 30 20.41 -8.84 -12.01
CA GLY B 30 21.30 -7.71 -11.89
C GLY B 30 21.03 -6.89 -10.64
N THR B 31 20.45 -5.70 -10.83
CA THR B 31 20.11 -4.82 -9.72
C THR B 31 18.68 -4.30 -9.88
N ASP B 32 17.83 -5.05 -10.58
CA ASP B 32 16.46 -4.61 -10.85
C ASP B 32 15.50 -5.03 -9.73
N ILE B 33 15.87 -4.72 -8.49
CA ILE B 33 15.01 -4.99 -7.33
C ILE B 33 14.64 -3.65 -6.71
N HIS B 34 13.42 -3.57 -6.18
CA HIS B 34 12.90 -2.35 -5.59
C HIS B 34 12.20 -2.69 -4.28
N TRP B 35 12.39 -1.83 -3.28
CA TRP B 35 11.87 -2.08 -1.94
C TRP B 35 10.72 -1.14 -1.64
N TYR B 36 9.73 -1.64 -0.89
CA TYR B 36 8.56 -0.87 -0.52
C TYR B 36 8.26 -1.07 0.96
N GLN B 37 7.60 -0.07 1.55
CA GLN B 37 7.18 -0.11 2.94
C GLN B 37 5.66 0.04 3.00
N GLN B 38 5.02 -0.80 3.82
CA GLN B 38 3.58 -0.73 4.01
C GLN B 38 3.27 -0.83 5.50
N ARG B 39 2.83 0.28 6.09
CA ARG B 39 2.38 0.27 7.46
C ARG B 39 0.94 -0.27 7.54
N THR B 40 0.46 -0.42 8.78
CA THR B 40 -0.88 -0.96 8.99
C THR B 40 -1.94 -0.06 8.37
N ASN B 41 -2.77 -0.64 7.51
CA ASN B 41 -3.84 0.09 6.82
C ASN B 41 -3.30 1.24 5.97
N GLY B 42 -2.12 1.03 5.38
CA GLY B 42 -1.51 2.03 4.54
C GLY B 42 -1.14 1.46 3.18
N SER B 43 -0.89 2.37 2.25
CA SER B 43 -0.48 1.95 0.92
C SER B 43 1.03 1.81 0.85
N PRO B 44 1.53 0.91 -0.01
CA PRO B 44 2.99 0.73 -0.11
C PRO B 44 3.69 2.02 -0.50
N ARG B 45 4.90 2.19 0.02
CA ARG B 45 5.69 3.38 -0.22
C ARG B 45 7.09 2.97 -0.67
N LEU B 46 7.52 3.52 -1.81
CA LEU B 46 8.83 3.18 -2.36
C LEU B 46 9.95 3.71 -1.47
N LEU B 47 10.85 2.81 -1.07
CA LEU B 47 11.99 3.15 -0.23
C LEU B 47 13.30 3.18 -1.00
N ILE B 48 13.57 2.14 -1.79
CA ILE B 48 14.81 2.01 -2.52
C ILE B 48 14.48 1.50 -3.92
N LYS B 49 15.07 2.12 -4.94
CA LYS B 49 14.93 1.66 -6.30
C LYS B 49 16.28 1.18 -6.83
N TYR B 50 16.22 0.17 -7.70
CA TYR B 50 17.41 -0.45 -8.29
C TYR B 50 18.43 -0.81 -7.23
N ALA B 51 17.96 -1.59 -6.25
CA ALA B 51 18.80 -2.23 -5.23
C ALA B 51 19.42 -1.25 -4.24
N SER B 52 20.01 -0.15 -4.73
CA SER B 52 20.78 0.71 -3.83
C SER B 52 20.60 2.20 -4.07
N GLU B 53 19.63 2.63 -4.86
CA GLU B 53 19.45 4.04 -5.14
C GLU B 53 18.43 4.65 -4.18
N SER B 54 18.76 5.83 -3.66
CA SER B 54 17.91 6.50 -2.70
C SER B 54 16.69 7.12 -3.38
N ILE B 55 15.68 7.44 -2.57
CA ILE B 55 14.47 8.10 -3.02
C ILE B 55 14.29 9.37 -2.21
N SER B 56 13.85 10.44 -2.87
CA SER B 56 13.63 11.71 -2.20
C SER B 56 12.51 11.57 -1.17
N GLY B 57 12.77 12.06 0.04
CA GLY B 57 11.84 11.98 1.13
C GLY B 57 12.04 10.81 2.06
N ILE B 58 12.72 9.77 1.62
CA ILE B 58 12.98 8.60 2.45
C ILE B 58 14.10 8.95 3.43
N PRO B 59 13.96 8.62 4.72
CA PRO B 59 15.01 8.93 5.69
C PRO B 59 16.36 8.33 5.31
N SER B 60 17.42 8.95 5.82
CA SER B 60 18.77 8.54 5.48
C SER B 60 19.13 7.16 6.05
N ARG B 61 18.39 6.68 7.05
CA ARG B 61 18.72 5.41 7.67
C ARG B 61 18.42 4.22 6.76
N PHE B 62 17.63 4.42 5.70
CA PHE B 62 17.30 3.37 4.76
C PHE B 62 18.37 3.26 3.69
N SER B 63 18.83 2.04 3.43
CA SER B 63 19.81 1.80 2.38
C SER B 63 19.58 0.42 1.79
N GLY B 64 20.27 0.14 0.69
CA GLY B 64 20.15 -1.14 0.04
C GLY B 64 21.48 -1.58 -0.53
N SER B 65 21.59 -2.90 -0.76
CA SER B 65 22.82 -3.47 -1.28
C SER B 65 22.49 -4.75 -2.03
N GLY B 66 23.49 -5.27 -2.73
CA GLY B 66 23.38 -6.54 -3.40
C GLY B 66 23.24 -6.41 -4.90
N SER B 67 23.63 -7.47 -5.61
CA SER B 67 23.40 -7.58 -7.04
C SER B 67 23.40 -9.05 -7.41
N GLY B 68 22.60 -9.41 -8.42
CA GLY B 68 22.50 -10.78 -8.84
C GLY B 68 21.24 -11.47 -8.34
N THR B 69 21.37 -12.25 -7.27
CA THR B 69 20.25 -12.95 -6.69
C THR B 69 19.96 -12.58 -5.23
N ASP B 70 20.94 -12.05 -4.51
CA ASP B 70 20.78 -11.70 -3.10
C ASP B 70 20.79 -10.19 -2.94
N PHE B 71 19.74 -9.67 -2.29
CA PHE B 71 19.58 -8.24 -2.08
C PHE B 71 19.19 -7.97 -0.64
N THR B 72 19.69 -6.85 -0.10
CA THR B 72 19.51 -6.52 1.30
C THR B 72 18.94 -5.12 1.44
N LEU B 73 17.95 -4.97 2.33
CA LEU B 73 17.45 -3.68 2.75
C LEU B 73 17.83 -3.47 4.21
N SER B 74 18.65 -2.46 4.46
CA SER B 74 19.19 -2.20 5.79
C SER B 74 18.61 -0.91 6.36
N ILE B 75 18.34 -0.92 7.66
CA ILE B 75 17.83 0.23 8.39
C ILE B 75 18.78 0.49 9.55
N ASN B 76 19.56 1.56 9.46
CA ASN B 76 20.49 1.91 10.52
C ASN B 76 19.73 2.55 11.67
N SER B 77 19.90 2.01 12.88
CA SER B 77 19.22 2.49 14.08
C SER B 77 17.70 2.49 13.89
N VAL B 78 17.07 1.35 14.12
CA VAL B 78 15.63 1.23 13.89
C VAL B 78 14.86 2.10 14.87
N GLU B 79 13.72 2.62 14.40
CA GLU B 79 12.85 3.47 15.19
C GLU B 79 11.42 2.95 15.11
N SER B 80 10.56 3.53 15.94
CA SER B 80 9.18 3.06 16.03
C SER B 80 8.43 3.26 14.72
N GLU B 81 8.75 4.34 13.98
CA GLU B 81 8.10 4.57 12.71
C GLU B 81 8.43 3.49 11.68
N ASP B 82 9.51 2.74 11.89
CA ASP B 82 9.93 1.71 10.96
C ASP B 82 9.17 0.40 11.12
N ILE B 83 8.19 0.34 12.02
CA ILE B 83 7.41 -0.87 12.23
C ILE B 83 6.39 -0.99 11.09
N ALA B 84 6.62 -1.94 10.20
CA ALA B 84 5.76 -2.13 9.03
C ALA B 84 6.18 -3.42 8.34
N ASN B 85 5.55 -3.69 7.20
CA ASN B 85 5.94 -4.79 6.32
C ASN B 85 6.80 -4.25 5.18
N TYR B 86 7.77 -5.05 4.76
CA TYR B 86 8.74 -4.65 3.75
C TYR B 86 8.75 -5.66 2.62
N TYR B 87 8.42 -5.20 1.42
CA TYR B 87 8.35 -6.03 0.23
C TYR B 87 9.46 -5.67 -0.75
N CYS B 88 9.92 -6.68 -1.49
CA CYS B 88 10.80 -6.45 -2.62
C CYS B 88 10.09 -6.84 -3.90
N GLN B 89 10.48 -6.20 -5.00
CA GLN B 89 9.83 -6.39 -6.29
C GLN B 89 10.88 -6.30 -7.38
N GLN B 90 10.86 -7.23 -8.32
CA GLN B 90 11.82 -7.27 -9.40
C GLN B 90 11.21 -6.74 -10.69
N SER B 91 12.04 -6.08 -11.49
CA SER B 91 11.62 -5.52 -12.77
C SER B 91 12.49 -6.00 -13.92
N ASN B 92 13.24 -7.09 -13.73
CA ASN B 92 14.16 -7.55 -14.76
C ASN B 92 13.43 -8.31 -15.86
N ARG B 93 12.55 -9.23 -15.49
CA ARG B 93 11.79 -10.03 -16.45
C ARG B 93 10.30 -9.85 -16.23
N TRP B 94 9.55 -9.89 -17.33
CA TRP B 94 8.10 -9.83 -17.25
C TRP B 94 7.55 -11.19 -16.85
N PRO B 95 6.54 -11.25 -15.97
CA PRO B 95 5.92 -10.08 -15.34
C PRO B 95 6.64 -9.66 -14.06
N PHE B 96 6.38 -8.43 -13.62
CA PHE B 96 6.91 -8.00 -12.33
C PHE B 96 6.31 -8.85 -11.21
N THR B 97 7.15 -9.27 -10.28
CA THR B 97 6.72 -10.11 -9.18
C THR B 97 7.12 -9.46 -7.86
N PHE B 98 6.40 -9.82 -6.80
CA PHE B 98 6.64 -9.31 -5.47
C PHE B 98 7.19 -10.40 -4.57
N GLY B 99 7.81 -9.97 -3.48
CA GLY B 99 8.20 -10.89 -2.43
C GLY B 99 7.08 -11.12 -1.43
N SER B 100 7.21 -12.20 -0.66
CA SER B 100 6.15 -12.55 0.28
C SER B 100 6.02 -11.53 1.40
N GLY B 101 7.10 -10.84 1.75
CA GLY B 101 7.03 -9.79 2.74
C GLY B 101 7.69 -10.19 4.05
N THR B 102 8.29 -9.22 4.72
CA THR B 102 8.96 -9.41 5.99
C THR B 102 8.50 -8.33 6.96
N LYS B 103 7.97 -8.74 8.11
CA LYS B 103 7.49 -7.82 9.13
C LYS B 103 8.61 -7.49 10.10
N LEU B 104 8.66 -6.23 10.52
CA LEU B 104 9.64 -5.75 11.49
C LEU B 104 8.93 -5.42 12.79
N GLU B 105 9.38 -6.02 13.89
CA GLU B 105 8.84 -5.74 15.21
C GLU B 105 9.97 -5.36 16.15
N ILE B 106 9.64 -4.49 17.10
CA ILE B 106 10.63 -3.91 18.01
C ILE B 106 10.42 -4.47 19.41
N LYS B 107 11.51 -4.78 20.09
CA LYS B 107 11.49 -5.29 21.46
C LYS B 107 11.83 -4.13 22.40
N ARG B 108 10.81 -3.40 22.81
CA ARG B 108 10.97 -2.29 23.74
C ARG B 108 10.93 -2.80 25.18
N ALA B 109 11.08 -1.88 26.13
CA ALA B 109 10.99 -2.24 27.54
C ALA B 109 9.55 -2.56 27.92
N ASP B 110 9.41 -3.33 29.00
CA ASP B 110 8.08 -3.70 29.48
C ASP B 110 7.32 -2.46 29.93
N ALA B 111 6.06 -2.36 29.50
CA ALA B 111 5.21 -1.22 29.83
C ALA B 111 3.88 -1.74 30.35
N ALA B 112 3.42 -1.17 31.47
CA ALA B 112 2.16 -1.59 32.05
C ALA B 112 0.99 -0.98 31.27
N PRO B 113 -0.11 -1.72 31.12
CA PRO B 113 -1.25 -1.20 30.35
C PRO B 113 -1.96 -0.09 31.11
N THR B 114 -2.45 0.89 30.37
CA THR B 114 -3.28 1.97 30.90
C THR B 114 -4.73 1.60 30.64
N VAL B 115 -5.43 1.17 31.67
CA VAL B 115 -6.78 0.64 31.53
C VAL B 115 -7.79 1.76 31.77
N SER B 116 -8.81 1.82 30.92
CA SER B 116 -9.87 2.80 31.02
C SER B 116 -11.20 2.10 30.75
N ILE B 117 -12.20 2.37 31.58
CA ILE B 117 -13.54 1.80 31.43
C ILE B 117 -14.50 2.92 31.07
N PHE B 118 -15.41 2.64 30.14
CA PHE B 118 -16.34 3.65 29.63
C PHE B 118 -17.76 3.09 29.69
N PRO B 119 -18.68 3.73 30.41
CA PRO B 119 -20.07 3.27 30.43
C PRO B 119 -20.74 3.56 29.10
N PRO B 120 -21.85 2.88 28.81
CA PRO B 120 -22.62 3.23 27.60
C PRO B 120 -23.16 4.64 27.69
N SER B 121 -23.26 5.29 26.53
CA SER B 121 -23.72 6.66 26.45
C SER B 121 -25.24 6.71 26.30
N SER B 122 -25.79 7.93 26.26
CA SER B 122 -27.23 8.09 26.16
C SER B 122 -27.75 7.80 24.77
N GLU B 123 -26.92 8.01 23.74
CA GLU B 123 -27.36 7.80 22.36
C GLU B 123 -27.52 6.33 22.01
N GLN B 124 -26.88 5.43 22.77
CA GLN B 124 -26.98 4.01 22.50
C GLN B 124 -28.08 3.34 23.31
N LEU B 125 -28.35 3.82 24.52
CA LEU B 125 -29.39 3.23 25.35
C LEU B 125 -30.78 3.39 24.73
N THR B 126 -30.99 4.46 23.95
CA THR B 126 -32.30 4.67 23.34
C THR B 126 -32.57 3.69 22.21
N SER B 127 -31.54 3.04 21.67
CA SER B 127 -31.72 2.04 20.62
C SER B 127 -31.94 0.64 21.18
N GLY B 128 -32.07 0.50 22.50
CA GLY B 128 -32.28 -0.79 23.12
C GLY B 128 -31.02 -1.58 23.42
N GLY B 129 -29.83 -0.97 23.28
CA GLY B 129 -28.59 -1.66 23.53
C GLY B 129 -27.68 -0.86 24.44
N ALA B 130 -26.62 -1.52 24.89
CA ALA B 130 -25.63 -0.89 25.76
C ALA B 130 -24.33 -1.67 25.65
N SER B 131 -23.22 -0.94 25.68
CA SER B 131 -21.89 -1.54 25.55
C SER B 131 -20.92 -0.87 26.51
N VAL B 132 -20.25 -1.67 27.33
CA VAL B 132 -19.23 -1.19 28.23
C VAL B 132 -17.89 -1.46 27.57
N VAL B 133 -17.17 -0.39 27.22
CA VAL B 133 -15.93 -0.48 26.47
C VAL B 133 -14.76 -0.29 27.43
N CYS B 134 -13.76 -1.16 27.32
CA CYS B 134 -12.55 -1.09 28.14
C CYS B 134 -11.34 -1.00 27.22
N PHE B 135 -10.52 0.03 27.44
CA PHE B 135 -9.32 0.26 26.64
C PHE B 135 -8.09 -0.18 27.42
N LEU B 136 -7.38 -1.17 26.89
CA LEU B 136 -6.08 -1.59 27.40
C LEU B 136 -5.04 -1.08 26.41
N ASN B 137 -4.46 0.08 26.73
CA ASN B 137 -3.66 0.83 25.77
C ASN B 137 -2.20 0.91 26.17
N ASN B 138 -1.32 0.77 25.18
CA ASN B 138 0.10 1.09 25.29
C ASN B 138 0.79 0.24 26.36
N PHE B 139 0.78 -1.07 26.13
CA PHE B 139 1.46 -2.02 27.00
C PHE B 139 2.45 -2.84 26.19
N TYR B 140 3.42 -3.43 26.90
CA TYR B 140 4.40 -4.30 26.30
C TYR B 140 4.87 -5.24 27.42
N PRO B 141 4.96 -6.55 27.16
CA PRO B 141 4.73 -7.22 25.87
C PRO B 141 3.26 -7.34 25.46
N LYS B 142 3.03 -8.01 24.33
CA LYS B 142 1.71 -8.08 23.73
C LYS B 142 0.75 -9.00 24.49
N ASP B 143 1.28 -9.97 25.23
CA ASP B 143 0.42 -10.92 25.93
C ASP B 143 -0.32 -10.22 27.06
N ILE B 144 -1.66 -10.33 27.05
CA ILE B 144 -2.48 -9.69 28.06
C ILE B 144 -3.83 -10.40 28.08
N ASN B 145 -4.48 -10.40 29.25
CA ASN B 145 -5.78 -11.02 29.43
C ASN B 145 -6.71 -10.05 30.13
N VAL B 146 -7.95 -9.97 29.65
CA VAL B 146 -8.96 -9.10 30.22
C VAL B 146 -10.03 -9.96 30.87
N LYS B 147 -10.57 -9.47 31.98
CA LYS B 147 -11.60 -10.20 32.73
C LYS B 147 -12.74 -9.25 33.07
N TRP B 148 -13.96 -9.69 32.81
CA TRP B 148 -15.15 -8.90 33.05
C TRP B 148 -15.95 -9.50 34.20
N LYS B 149 -16.25 -8.68 35.20
CA LYS B 149 -17.07 -9.07 36.33
C LYS B 149 -18.29 -8.15 36.41
N ILE B 150 -19.47 -8.75 36.47
CA ILE B 150 -20.72 -8.00 36.66
C ILE B 150 -21.21 -8.30 38.07
N ASP B 151 -21.24 -7.26 38.91
CA ASP B 151 -21.65 -7.39 40.31
C ASP B 151 -20.82 -8.43 41.05
N GLY B 152 -19.51 -8.43 40.79
CA GLY B 152 -18.59 -9.35 41.43
C GLY B 152 -18.49 -10.71 40.78
N SER B 153 -19.43 -11.08 39.92
CA SER B 153 -19.43 -12.38 39.26
C SER B 153 -18.83 -12.26 37.87
N GLU B 154 -17.94 -13.19 37.54
CA GLU B 154 -17.23 -13.14 36.27
C GLU B 154 -18.20 -13.26 35.09
N ARG B 155 -17.98 -12.43 34.08
CA ARG B 155 -18.79 -12.43 32.86
C ARG B 155 -17.91 -12.74 31.67
N GLN B 156 -18.31 -13.75 30.89
CA GLN B 156 -17.60 -14.14 29.68
C GLN B 156 -18.46 -14.12 28.43
N ASN B 157 -19.78 -13.98 28.57
CA ASN B 157 -20.68 -13.98 27.43
C ASN B 157 -20.78 -12.58 26.83
N GLY B 158 -20.73 -12.51 25.50
CA GLY B 158 -20.88 -11.24 24.81
C GLY B 158 -19.72 -10.29 24.99
N VAL B 159 -18.50 -10.80 25.12
CA VAL B 159 -17.31 -9.98 25.32
C VAL B 159 -16.44 -10.16 24.08
N LEU B 160 -16.47 -9.17 23.19
CA LEU B 160 -15.63 -9.18 22.00
C LEU B 160 -14.33 -8.43 22.28
N ASN B 161 -13.21 -9.04 21.94
CA ASN B 161 -11.90 -8.44 22.11
C ASN B 161 -11.31 -8.06 20.76
N SER B 162 -10.34 -7.15 20.79
CA SER B 162 -9.70 -6.68 19.56
C SER B 162 -8.31 -6.18 19.89
N TRP B 163 -7.30 -6.83 19.33
CA TRP B 163 -5.91 -6.42 19.47
C TRP B 163 -5.46 -5.65 18.24
N THR B 164 -4.57 -4.70 18.46
CA THR B 164 -3.92 -3.97 17.38
C THR B 164 -2.54 -4.56 17.11
N ASP B 165 -2.03 -4.27 15.91
CA ASP B 165 -0.63 -4.59 15.63
C ASP B 165 0.27 -3.69 16.47
N GLN B 166 1.58 -3.92 16.39
CA GLN B 166 2.51 -3.13 17.17
C GLN B 166 2.42 -1.66 16.75
N ASP B 167 2.22 -0.80 17.73
CA ASP B 167 2.00 0.62 17.45
C ASP B 167 3.26 1.25 16.87
N SER B 168 3.13 1.88 15.70
CA SER B 168 4.27 2.51 15.04
C SER B 168 4.68 3.83 15.67
N LYS B 169 3.98 4.28 16.71
CA LYS B 169 4.34 5.51 17.39
C LYS B 169 5.17 5.29 18.65
N ASP B 170 5.01 4.14 19.32
CA ASP B 170 5.79 3.90 20.53
C ASP B 170 6.13 2.43 20.74
N SER B 171 6.00 1.59 19.70
CA SER B 171 6.36 0.18 19.72
C SER B 171 5.57 -0.64 20.74
N THR B 172 4.47 -0.09 21.28
CA THR B 172 3.68 -0.81 22.26
C THR B 172 2.53 -1.54 21.57
N TYR B 173 1.65 -2.15 22.36
CA TYR B 173 0.45 -2.79 21.86
C TYR B 173 -0.76 -2.23 22.60
N SER B 174 -1.93 -2.40 22.01
CA SER B 174 -3.17 -1.92 22.61
C SER B 174 -4.28 -2.92 22.35
N MET B 175 -5.22 -3.00 23.29
CA MET B 175 -6.31 -3.96 23.23
C MET B 175 -7.60 -3.28 23.68
N SER B 176 -8.71 -3.69 23.08
CA SER B 176 -10.03 -3.18 23.43
C SER B 176 -10.96 -4.35 23.70
N SER B 177 -11.60 -4.33 24.86
CA SER B 177 -12.56 -5.35 25.26
C SER B 177 -13.92 -4.70 25.47
N THR B 178 -14.93 -5.23 24.78
CA THR B 178 -16.26 -4.62 24.75
C THR B 178 -17.30 -5.66 25.11
N LEU B 179 -18.03 -5.42 26.19
CA LEU B 179 -19.17 -6.25 26.60
C LEU B 179 -20.46 -5.55 26.18
N THR B 180 -21.27 -6.24 25.38
CA THR B 180 -22.49 -5.66 24.83
C THR B 180 -23.70 -6.39 25.40
N LEU B 181 -24.63 -5.62 25.97
CA LEU B 181 -25.87 -6.15 26.53
C LEU B 181 -27.04 -5.31 26.04
N THR B 182 -28.24 -5.87 26.18
CA THR B 182 -29.44 -5.10 25.89
C THR B 182 -29.69 -4.09 27.00
N LYS B 183 -30.62 -3.17 26.75
CA LYS B 183 -30.94 -2.17 27.77
C LYS B 183 -31.54 -2.81 29.01
N ASP B 184 -32.28 -3.92 28.84
CA ASP B 184 -32.88 -4.59 29.98
C ASP B 184 -31.83 -5.30 30.83
N GLU B 185 -30.98 -6.10 30.20
CA GLU B 185 -29.95 -6.82 30.93
C GLU B 185 -28.97 -5.85 31.58
N TYR B 186 -28.66 -4.74 30.90
CA TYR B 186 -27.75 -3.75 31.49
C TYR B 186 -28.38 -3.07 32.70
N GLU B 187 -29.71 -2.96 32.74
CA GLU B 187 -30.40 -2.34 33.85
C GLU B 187 -30.73 -3.31 34.98
N ARG B 188 -30.56 -4.62 34.76
CA ARG B 188 -30.73 -5.60 35.81
C ARG B 188 -29.46 -5.82 36.63
N HIS B 189 -28.45 -4.97 36.46
CA HIS B 189 -27.20 -5.08 37.18
C HIS B 189 -26.72 -3.68 37.56
N ASN B 190 -25.64 -3.63 38.35
CA ASN B 190 -25.13 -2.36 38.85
C ASN B 190 -23.64 -2.21 38.59
N SER B 191 -22.84 -3.15 39.08
CA SER B 191 -21.39 -3.05 39.05
C SER B 191 -20.84 -3.76 37.82
N TYR B 192 -20.00 -3.06 37.06
CA TYR B 192 -19.32 -3.61 35.90
C TYR B 192 -17.82 -3.39 36.07
N THR B 193 -17.03 -4.43 35.85
CA THR B 193 -15.62 -4.43 36.18
C THR B 193 -14.79 -4.89 34.98
N CYS B 194 -13.70 -4.19 34.73
CA CYS B 194 -12.72 -4.57 33.72
C CYS B 194 -11.39 -4.82 34.42
N GLU B 195 -10.90 -6.06 34.33
CA GLU B 195 -9.66 -6.47 34.99
C GLU B 195 -8.64 -6.86 33.95
N ALA B 196 -7.43 -6.33 34.08
CA ALA B 196 -6.35 -6.55 33.11
C ALA B 196 -5.15 -7.14 33.85
N THR B 197 -4.88 -8.42 33.62
CA THR B 197 -3.68 -9.06 34.14
C THR B 197 -2.58 -8.98 33.09
N HIS B 198 -1.43 -8.45 33.49
CA HIS B 198 -0.31 -8.25 32.58
C HIS B 198 0.98 -8.67 33.25
N LYS B 199 1.99 -8.95 32.42
CA LYS B 199 3.29 -9.38 32.92
C LYS B 199 3.91 -8.37 33.87
N THR B 200 3.59 -7.08 33.69
CA THR B 200 4.22 -6.00 34.44
C THR B 200 3.70 -5.86 35.87
N SER B 201 2.79 -6.72 36.31
CA SER B 201 2.24 -6.59 37.66
C SER B 201 1.63 -7.92 38.08
N THR B 202 2.02 -8.40 39.26
CA THR B 202 1.43 -9.63 39.79
C THR B 202 -0.03 -9.45 40.14
N SER B 203 -0.43 -8.24 40.52
CA SER B 203 -1.82 -7.91 40.84
C SER B 203 -2.52 -7.37 39.59
N PRO B 204 -3.79 -7.73 39.39
CA PRO B 204 -4.50 -7.25 38.19
C PRO B 204 -4.83 -5.78 38.29
N ILE B 205 -4.71 -5.08 37.17
CA ILE B 205 -5.16 -3.70 37.07
C ILE B 205 -6.67 -3.71 36.85
N VAL B 206 -7.40 -3.12 37.79
CA VAL B 206 -8.86 -3.21 37.83
C VAL B 206 -9.44 -1.82 37.62
N LYS B 207 -10.43 -1.72 36.74
CA LYS B 207 -11.22 -0.51 36.54
C LYS B 207 -12.69 -0.90 36.58
N SER B 208 -13.48 -0.18 37.38
CA SER B 208 -14.89 -0.47 37.55
C SER B 208 -15.68 0.82 37.52
N PHE B 209 -16.99 0.70 37.35
CA PHE B 209 -17.89 1.83 37.43
C PHE B 209 -19.24 1.34 37.91
N ASN B 210 -19.91 2.17 38.70
CA ASN B 210 -21.26 1.88 39.18
C ASN B 210 -22.26 2.82 38.51
N ARG B 211 -23.49 2.34 38.36
CA ARG B 211 -24.56 3.15 37.80
C ARG B 211 -25.12 4.18 38.78
N ASN B 212 -24.55 4.26 39.98
CA ASN B 212 -24.99 5.25 40.98
C ASN B 212 -24.49 6.64 40.61
N SER C 1 24.70 23.53 -50.06
CA SER C 1 25.12 22.24 -49.52
C SER C 1 24.87 21.12 -50.54
N ALA C 2 25.88 20.29 -50.75
CA ALA C 2 25.76 19.18 -51.68
C ALA C 2 24.77 18.14 -51.17
N LEU C 3 24.31 17.27 -52.08
CA LEU C 3 23.29 16.30 -51.73
C LEU C 3 23.81 15.29 -50.70
N HIS C 4 25.00 14.74 -50.93
CA HIS C 4 25.48 13.64 -50.11
C HIS C 4 25.68 14.06 -48.66
N TRP C 5 25.97 15.34 -48.41
CA TRP C 5 26.07 15.78 -47.02
C TRP C 5 24.69 16.06 -46.43
N ARG C 6 23.78 16.64 -47.21
CA ARG C 6 22.41 16.79 -46.75
C ARG C 6 21.75 15.44 -46.49
N ALA C 7 22.01 14.47 -47.37
CA ALA C 7 21.44 13.13 -47.17
C ALA C 7 22.03 12.46 -45.94
N ALA C 8 23.30 12.69 -45.65
CA ALA C 8 23.91 12.13 -44.45
C ALA C 8 23.27 12.71 -43.19
N GLY C 9 23.13 14.03 -43.13
CA GLY C 9 22.46 14.65 -41.99
C GLY C 9 21.03 14.20 -41.86
N ALA C 10 20.33 14.04 -42.98
CA ALA C 10 18.97 13.52 -42.93
C ALA C 10 18.94 12.09 -42.41
N ALA C 11 19.91 11.28 -42.81
CA ALA C 11 19.97 9.89 -42.34
C ALA C 11 20.25 9.84 -40.85
N THR C 12 21.10 10.73 -40.34
CA THR C 12 21.39 10.75 -38.92
C THR C 12 20.15 11.11 -38.10
N VAL C 13 19.41 12.12 -38.54
CA VAL C 13 18.18 12.50 -37.84
C VAL C 13 17.16 11.37 -37.91
N LEU C 14 17.05 10.73 -39.08
CA LEU C 14 16.12 9.61 -39.24
C LEU C 14 16.51 8.46 -38.33
N LEU C 15 17.82 8.21 -38.17
CA LEU C 15 18.27 7.12 -37.32
C LEU C 15 17.89 7.37 -35.86
N VAL C 16 18.02 8.61 -35.40
CA VAL C 16 17.63 8.94 -34.02
C VAL C 16 16.14 8.70 -33.82
N ILE C 17 15.33 9.04 -34.83
CA ILE C 17 13.89 8.80 -34.72
C ILE C 17 13.59 7.31 -34.67
N VAL C 18 14.32 6.52 -35.47
CA VAL C 18 14.12 5.07 -35.45
C VAL C 18 14.53 4.50 -34.08
N LEU C 19 15.64 4.99 -33.52
CA LEU C 19 16.07 4.51 -32.21
C LEU C 19 15.03 4.81 -31.15
N LEU C 20 14.51 6.04 -31.13
CA LEU C 20 13.52 6.41 -30.13
C LEU C 20 12.22 5.65 -30.34
N ALA C 21 11.73 5.60 -31.58
CA ALA C 21 10.52 4.84 -31.86
C ALA C 21 10.73 3.35 -31.65
N GLY C 22 11.91 2.85 -31.97
CA GLY C 22 12.19 1.44 -31.76
C GLY C 22 12.22 1.07 -30.29
N SER C 23 12.73 1.97 -29.45
CA SER C 23 12.75 1.70 -28.01
C SER C 23 11.35 1.70 -27.43
N TYR C 24 10.50 2.63 -27.88
CA TYR C 24 9.13 2.69 -27.40
C TYR C 24 8.34 1.46 -27.84
N LEU C 25 8.47 1.08 -29.12
CA LEU C 25 7.68 -0.03 -29.64
C LEU C 25 8.18 -1.39 -29.17
N ALA C 26 9.47 -1.50 -28.80
CA ALA C 26 9.97 -2.77 -28.29
C ALA C 26 9.37 -3.08 -26.93
N VAL C 27 9.39 -2.12 -26.00
CA VAL C 27 8.77 -2.30 -24.70
C VAL C 27 7.29 -2.63 -24.87
N LEU C 28 6.61 -1.92 -25.79
CA LEU C 28 5.20 -2.19 -26.02
C LEU C 28 4.97 -3.60 -26.56
N ALA C 29 5.95 -4.16 -27.27
CA ALA C 29 5.81 -5.49 -27.83
C ALA C 29 6.30 -6.60 -26.91
N GLU C 30 7.26 -6.30 -26.04
CA GLU C 30 7.88 -7.34 -25.21
C GLU C 30 7.16 -7.57 -23.89
N ARG C 31 6.54 -6.54 -23.32
CA ARG C 31 5.73 -6.75 -22.12
C ARG C 31 4.53 -7.63 -22.46
N GLY C 32 4.24 -8.58 -21.57
CA GLY C 32 3.27 -9.62 -21.84
C GLY C 32 3.88 -10.96 -22.20
N ALA C 33 5.18 -10.99 -22.50
CA ALA C 33 5.86 -12.24 -22.82
C ALA C 33 6.70 -12.67 -21.62
N PRO C 34 6.38 -13.79 -20.98
CA PRO C 34 7.14 -14.21 -19.79
C PRO C 34 8.60 -14.45 -20.12
N GLY C 35 9.49 -13.92 -19.29
CA GLY C 35 10.92 -14.03 -19.49
C GLY C 35 11.55 -12.90 -20.27
N ALA C 36 10.75 -11.99 -20.83
CA ALA C 36 11.29 -10.91 -21.63
C ALA C 36 11.99 -9.88 -20.75
N GLN C 37 13.16 -9.43 -21.21
CA GLN C 37 13.95 -8.44 -20.49
C GLN C 37 13.93 -7.07 -21.14
N LEU C 38 13.34 -6.93 -22.33
CA LEU C 38 13.32 -5.67 -23.07
C LEU C 38 12.02 -4.92 -22.76
N ILE C 39 11.83 -4.59 -21.48
CA ILE C 39 10.54 -4.16 -20.97
C ILE C 39 10.61 -2.81 -20.25
N THR C 40 11.76 -2.14 -20.28
CA THR C 40 11.90 -0.79 -19.73
C THR C 40 12.62 0.08 -20.75
N TYR C 41 12.17 1.33 -20.87
CA TYR C 41 12.59 2.21 -21.95
C TYR C 41 14.07 2.59 -21.93
N PRO C 42 14.66 2.94 -20.78
CA PRO C 42 16.09 3.29 -20.80
C PRO C 42 16.99 2.21 -21.39
N ARG C 43 16.84 0.96 -20.94
CA ARG C 43 17.67 -0.10 -21.52
C ARG C 43 17.21 -0.48 -22.92
N ALA C 44 15.91 -0.27 -23.22
CA ALA C 44 15.44 -0.51 -24.58
C ALA C 44 16.12 0.43 -25.57
N LEU C 45 16.35 1.69 -25.16
CA LEU C 45 17.09 2.61 -26.01
C LEU C 45 18.54 2.16 -26.18
N TRP C 46 19.16 1.68 -25.10
CA TRP C 46 20.50 1.13 -25.20
C TRP C 46 20.52 -0.09 -26.12
N TRP C 47 19.50 -0.95 -26.03
CA TRP C 47 19.42 -2.10 -26.92
C TRP C 47 19.27 -1.66 -28.37
N SER C 48 18.49 -0.61 -28.61
CA SER C 48 18.27 -0.16 -29.98
C SER C 48 19.55 0.38 -30.60
N VAL C 49 20.36 1.09 -29.82
CA VAL C 49 21.62 1.63 -30.34
C VAL C 49 22.57 0.51 -30.71
N GLU C 50 22.80 -0.43 -29.78
CA GLU C 50 23.66 -1.57 -30.07
C GLU C 50 23.08 -2.51 -31.12
N THR C 51 21.82 -2.30 -31.52
CA THR C 51 21.23 -3.03 -32.63
C THR C 51 21.47 -2.32 -33.96
N ALA C 52 21.23 -1.00 -33.98
CA ALA C 52 21.45 -0.23 -35.20
C ALA C 52 22.91 -0.25 -35.61
N THR C 53 23.81 -0.19 -34.63
CA THR C 53 25.24 -0.33 -34.90
C THR C 53 25.65 -1.78 -35.17
N THR C 54 24.71 -2.72 -35.02
CA THR C 54 24.92 -4.16 -35.22
C THR C 54 25.93 -4.75 -34.24
N VAL C 55 26.18 -4.09 -33.11
CA VAL C 55 27.10 -4.64 -32.12
C VAL C 55 26.52 -5.91 -31.51
N GLY C 56 25.31 -5.81 -30.95
CA GLY C 56 24.61 -6.97 -30.41
C GLY C 56 25.35 -7.70 -29.30
N TYR C 57 25.48 -7.07 -28.13
CA TYR C 57 26.20 -7.70 -27.03
C TYR C 57 25.53 -8.99 -26.59
N GLY C 58 24.19 -9.00 -26.54
CA GLY C 58 23.45 -10.13 -26.03
C GLY C 58 22.84 -9.91 -24.66
N ASP C 59 23.13 -8.78 -24.01
CA ASP C 59 22.51 -8.48 -22.72
C ASP C 59 21.01 -8.30 -22.86
N LEU C 60 20.56 -7.74 -23.99
CA LEU C 60 19.14 -7.57 -24.28
C LEU C 60 18.84 -8.09 -25.67
N ALA C 61 17.69 -8.75 -25.81
CA ALA C 61 17.25 -9.28 -27.10
C ALA C 61 15.75 -9.46 -27.06
N PRO C 62 15.05 -9.19 -28.16
CA PRO C 62 13.59 -9.39 -28.16
C PRO C 62 13.23 -10.85 -28.36
N VAL C 63 12.08 -11.23 -27.80
CA VAL C 63 11.57 -12.58 -27.95
C VAL C 63 10.25 -12.63 -28.72
N THR C 64 9.46 -11.55 -28.75
CA THR C 64 8.20 -11.58 -29.45
C THR C 64 8.39 -11.32 -30.94
N LEU C 65 7.33 -11.58 -31.70
CA LEU C 65 7.37 -11.36 -33.14
C LEU C 65 7.53 -9.89 -33.46
N TRP C 66 6.67 -9.05 -32.88
CA TRP C 66 6.72 -7.62 -33.19
C TRP C 66 7.93 -6.94 -32.56
N GLY C 67 8.42 -7.45 -31.44
CA GLY C 67 9.67 -6.95 -30.90
C GLY C 67 10.85 -7.26 -31.79
N ARG C 68 10.82 -8.42 -32.46
CA ARG C 68 11.87 -8.77 -33.40
C ARG C 68 11.70 -8.06 -34.73
N LEU C 69 10.46 -7.81 -35.15
CA LEU C 69 10.22 -7.01 -36.35
C LEU C 69 10.71 -5.58 -36.14
N VAL C 70 10.49 -5.03 -34.95
CA VAL C 70 11.07 -3.73 -34.63
C VAL C 70 12.59 -3.80 -34.71
N ALA C 71 13.18 -4.90 -34.23
CA ALA C 71 14.62 -5.05 -34.31
C ALA C 71 15.11 -5.04 -35.75
N VAL C 72 14.38 -5.71 -36.65
CA VAL C 72 14.78 -5.76 -38.05
C VAL C 72 14.82 -4.36 -38.65
N VAL C 73 13.80 -3.55 -38.36
CA VAL C 73 13.78 -2.17 -38.86
C VAL C 73 14.95 -1.39 -38.30
N VAL C 74 15.26 -1.59 -37.02
CA VAL C 74 16.39 -0.89 -36.41
C VAL C 74 17.70 -1.31 -37.07
N MET C 75 17.85 -2.61 -37.35
CA MET C 75 19.06 -3.09 -38.02
C MET C 75 19.22 -2.45 -39.38
N VAL C 76 18.18 -2.50 -40.21
CA VAL C 76 18.26 -1.95 -41.56
C VAL C 76 18.52 -0.46 -41.52
N ALA C 77 17.80 0.25 -40.65
CA ALA C 77 17.99 1.70 -40.53
C ALA C 77 19.41 2.04 -40.14
N GLY C 78 20.00 1.26 -39.24
CA GLY C 78 21.36 1.53 -38.80
C GLY C 78 22.39 1.20 -39.86
N ILE C 79 22.24 0.05 -40.53
CA ILE C 79 23.17 -0.33 -41.59
C ILE C 79 23.08 0.65 -42.75
N THR C 80 21.86 1.06 -43.11
CA THR C 80 21.68 1.98 -44.23
C THR C 80 22.23 3.37 -43.92
N SER C 81 21.92 3.89 -42.73
CA SER C 81 22.35 5.24 -42.38
C SER C 81 23.88 5.34 -42.36
N PHE C 82 24.54 4.41 -41.67
CA PHE C 82 26.00 4.43 -41.66
C PHE C 82 26.58 4.13 -43.04
N GLY C 83 25.86 3.35 -43.85
CA GLY C 83 26.32 3.11 -45.21
C GLY C 83 26.23 4.35 -46.07
N LEU C 84 25.16 5.14 -45.90
CA LEU C 84 25.04 6.40 -46.62
C LEU C 84 26.14 7.37 -46.23
N VAL C 85 26.58 7.32 -44.96
CA VAL C 85 27.69 8.17 -44.52
C VAL C 85 28.97 7.76 -45.25
N THR C 86 29.24 6.46 -45.32
CA THR C 86 30.39 5.98 -46.08
C THR C 86 30.29 6.38 -47.54
N ALA C 87 29.09 6.26 -48.12
CA ALA C 87 28.90 6.65 -49.51
C ALA C 87 29.18 8.14 -49.71
N ALA C 88 28.77 8.98 -48.76
CA ALA C 88 29.04 10.40 -48.87
C ALA C 88 30.52 10.70 -48.77
N LEU C 89 31.24 9.95 -47.93
CA LEU C 89 32.69 10.13 -47.84
C LEU C 89 33.37 9.75 -49.14
N ALA C 90 32.89 8.69 -49.80
CA ALA C 90 33.47 8.30 -51.08
C ALA C 90 33.28 9.39 -52.13
N THR C 91 32.10 10.01 -52.17
CA THR C 91 31.86 11.10 -53.11
C THR C 91 32.77 12.28 -52.82
N TRP C 92 32.97 12.60 -51.53
CA TRP C 92 33.88 13.67 -51.15
C TRP C 92 35.30 13.39 -51.64
N PHE C 93 35.77 12.16 -51.45
CA PHE C 93 37.13 11.81 -51.86
C PHE C 93 37.27 11.79 -53.37
N VAL C 94 36.26 11.27 -54.08
CA VAL C 94 36.33 11.21 -55.53
C VAL C 94 36.26 12.61 -56.13
N GLY C 95 35.37 13.45 -55.59
CA GLY C 95 35.29 14.82 -56.07
C GLY C 95 36.58 15.60 -55.83
N ARG C 96 37.22 15.37 -54.68
CA ARG C 96 38.48 16.01 -54.40
C ARG C 96 39.59 15.47 -55.30
N GLU C 97 39.53 14.19 -55.65
CA GLU C 97 40.56 13.61 -56.51
C GLU C 97 40.42 14.09 -57.95
N GLN C 98 39.20 14.43 -58.38
CA GLN C 98 39.04 15.02 -59.71
C GLN C 98 39.70 16.38 -59.79
N GLU C 99 39.51 17.22 -58.76
CA GLU C 99 40.16 18.53 -58.74
C GLU C 99 41.67 18.40 -58.62
N ARG C 100 42.13 17.40 -57.86
CA ARG C 100 43.57 17.14 -57.75
C ARG C 100 44.16 16.75 -59.09
N ARG C 101 43.36 16.19 -60.00
CA ARG C 101 43.79 15.81 -61.33
C ARG C 101 43.49 16.89 -62.36
N GLY C 102 43.01 18.07 -61.94
CA GLY C 102 42.70 19.13 -62.87
C GLY C 102 41.35 18.99 -63.53
N HIS C 103 40.90 17.75 -63.72
CA HIS C 103 39.63 17.48 -64.38
C HIS C 103 38.45 17.81 -63.46
C1 F09 D . 7.67 -2.66 -37.18
C2 F09 D . 6.34 -1.97 -36.88
C3 F09 D . 6.32 -1.52 -35.42
C4 F09 D . 5.73 -2.62 -34.54
C5 F09 D . 4.23 -2.38 -34.33
C6 F09 D . 3.98 -1.93 -32.89
C7 F09 D . 4.42 -3.04 -31.92
C8 F09 D . 3.32 -4.09 -31.81
C9 F09 D . 2.48 -3.82 -30.56
OXT F09 D . 1.58 -4.87 -30.36
K K E . 26.71 -11.75 -28.49
K K F . 27.38 -9.75 -31.56
K K G . 27.90 -8.18 -33.96
K K H . 28.49 -6.38 -36.73
N1 TBA I . 29.56 -3.50 -41.14
C11 TBA I . 28.98 -2.28 -41.71
C12 TBA I . 28.38 -1.34 -40.65
C21 TBA I . 30.18 -3.22 -39.85
C22 TBA I . 31.53 -2.47 -39.97
C31 TBA I . 30.55 -4.04 -42.06
C32 TBA I . 31.02 -5.43 -41.61
C41 TBA I . 28.51 -4.48 -40.95
C42 TBA I . 27.64 -4.63 -42.21
C13 TBA I . 26.85 -1.40 -40.63
C14 TBA I . 26.34 -0.75 -39.35
C23 TBA I . 31.82 -1.78 -38.63
C24 TBA I . 33.34 -1.64 -38.46
C33 TBA I . 31.49 -6.26 -42.81
C34 TBA I . 32.28 -7.47 -42.31
C43 TBA I . 26.79 -5.90 -42.10
C44 TBA I . 25.51 -5.74 -42.92
CA1 DGA J . 9.45 -15.09 -34.62
CA2 DGA J . 10.11 -14.87 -36.01
CA3 DGA J . 10.59 -13.40 -36.17
CA4 DGA J . 10.89 -13.13 -37.67
CA5 DGA J . 11.34 -11.63 -37.87
CA6 DGA J . 12.28 -11.52 -39.12
CA7 DGA J . 11.47 -10.88 -40.32
CA8 DGA J . 12.21 -11.18 -41.67
CA9 DGA J . 12.39 -9.85 -42.45
OA1 DGA J . 9.93 -14.60 -33.64
CB1 DGA J . 5.01 -17.00 -35.69
CB2 DGA J . 4.86 -15.80 -36.65
CB3 DGA J . 6.12 -15.72 -37.59
CB4 DGA J . 6.08 -16.85 -38.64
CB5 DGA J . 7.38 -16.79 -39.50
CB6 DGA J . 7.91 -18.25 -39.77
CB7 DGA J . 7.25 -18.81 -41.07
CB8 DGA J . 8.19 -19.89 -41.74
CB9 DGA J . 9.68 -19.50 -41.56
CAB DGA J . 10.43 -19.61 -42.94
CBB DGA J . 11.52 -20.73 -42.86
CCB DGA J . 11.27 -21.78 -43.99
CDB DGA J . 9.90 -22.50 -43.75
CEB DGA J . 9.81 -23.75 -44.66
OB1 DGA J . 4.25 -17.90 -35.75
OG1 DGA J . 8.26 -15.87 -34.50
CG1 DGA J . 7.33 -15.37 -33.53
CG2 DGA J . 5.95 -16.04 -33.73
OG2 DGA J . 6.06 -17.02 -34.72
CG3 DGA J . 5.53 -16.68 -32.42
OXT DGA J . 6.03 -15.93 -31.35
#